data_1Q4J
#
_entry.id   1Q4J
#
_cell.length_a   61.168
_cell.length_b   86.917
_cell.length_c   74.818
_cell.angle_alpha   90.00
_cell.angle_beta   90.00
_cell.angle_gamma   90.00
#
_symmetry.space_group_name_H-M   'P 21 21 2'
#
loop_
_entity.id
_entity.type
_entity.pdbx_description
1 polymer 'Glutathione s-transferase'
2 non-polymer S-HEXYLGLUTATHIONE
3 water water
#
_entity_poly.entity_id   1
_entity_poly.type   'polypeptide(L)'
_entity_poly.pdbx_seq_one_letter_code
;MGDNIVLYYFDARGKAELIRLIFAYLGIEYTDKRFGVNGDAFVEFKNFKKEKDTPFEQVPILQIGDLILAQSQAIVRYLS
KKYNICGESELNEFYADMIFCGVQDIHYKFNNTNLFKQNETTFLNEDLPKWSGYFEKLLKKNHTNNNNDKYYFVGNNLTY
ADLAVFNLYDDIETKYPSSLKNFPLLKAHNEFISNLPNIKNYITNRKESVY
;
_entity_poly.pdbx_strand_id   A,B
#
# COMPACT_ATOMS: atom_id res chain seq x y z
N ASP A 3 -14.83 -20.57 -25.38
CA ASP A 3 -13.76 -19.83 -26.13
C ASP A 3 -12.54 -19.70 -25.25
N ASN A 4 -11.57 -18.89 -25.68
CA ASN A 4 -10.44 -18.49 -24.86
C ASN A 4 -10.92 -17.60 -23.71
N ILE A 5 -10.57 -18.01 -22.50
CA ILE A 5 -10.80 -17.25 -21.31
C ILE A 5 -9.51 -16.45 -21.05
N VAL A 6 -9.64 -15.13 -20.94
CA VAL A 6 -8.54 -14.25 -20.54
C VAL A 6 -8.96 -13.42 -19.32
N LEU A 7 -8.12 -13.45 -18.29
CA LEU A 7 -8.26 -12.66 -17.06
C LEU A 7 -7.26 -11.53 -17.17
N TYR A 8 -7.73 -10.31 -16.95
CA TYR A 8 -6.91 -9.14 -17.05
C TYR A 8 -6.86 -8.44 -15.72
N TYR A 9 -5.65 -8.24 -15.21
CA TYR A 9 -5.45 -7.53 -13.98
C TYR A 9 -4.05 -7.02 -13.89
N PHE A 10 -3.74 -6.29 -12.84
CA PHE A 10 -2.38 -5.84 -12.58
C PHE A 10 -1.55 -7.04 -12.12
N ASP A 11 -0.24 -6.88 -12.07
CA ASP A 11 0.67 -7.93 -11.63
C ASP A 11 0.61 -8.10 -10.09
N ALA A 12 -0.47 -8.70 -9.63
CA ALA A 12 -0.69 -8.79 -8.19
C ALA A 12 -1.81 -9.77 -7.90
N ARG A 13 -1.94 -10.11 -6.62
CA ARG A 13 -3.03 -10.94 -6.17
C ARG A 13 -4.29 -10.10 -6.08
N GLY A 14 -4.33 -9.17 -5.14
CA GLY A 14 -5.45 -8.25 -4.95
C GLY A 14 -6.81 -8.79 -5.30
N LYS A 15 -7.47 -8.07 -6.19
CA LYS A 15 -8.85 -8.33 -6.58
C LYS A 15 -9.05 -9.50 -7.52
N ALA A 16 -7.96 -10.01 -8.10
CA ALA A 16 -8.10 -11.10 -9.03
C ALA A 16 -7.87 -12.48 -8.43
N GLU A 17 -7.21 -12.55 -7.28
CA GLU A 17 -6.67 -13.83 -6.81
C GLU A 17 -7.70 -14.84 -6.55
N LEU A 18 -8.80 -14.45 -5.96
CA LEU A 18 -9.86 -15.40 -5.74
C LEU A 18 -10.32 -15.99 -7.06
N ILE A 19 -10.46 -15.19 -8.09
CA ILE A 19 -10.86 -15.72 -9.39
C ILE A 19 -9.86 -16.80 -9.89
N ARG A 20 -8.58 -16.51 -9.70
CA ARG A 20 -7.51 -17.41 -10.13
C ARG A 20 -7.58 -18.66 -9.32
N LEU A 21 -7.96 -18.53 -8.05
CA LEU A 21 -8.07 -19.71 -7.21
C LEU A 21 -9.22 -20.60 -7.64
N ILE A 22 -10.35 -19.99 -7.99
CA ILE A 22 -11.46 -20.72 -8.56
C ILE A 22 -11.08 -21.42 -9.86
N PHE A 23 -10.44 -20.73 -10.80
CA PHE A 23 -9.95 -21.41 -12.00
C PHE A 23 -8.97 -22.57 -11.65
N ALA A 24 -7.98 -22.31 -10.80
CA ALA A 24 -7.09 -23.41 -10.35
C ALA A 24 -7.92 -24.54 -9.78
N TYR A 25 -8.84 -24.23 -8.87
CA TYR A 25 -9.59 -25.29 -8.25
C TYR A 25 -10.42 -26.08 -9.27
N LEU A 26 -11.04 -25.40 -10.23
CA LEU A 26 -11.91 -26.07 -11.19
C LEU A 26 -11.13 -26.70 -12.35
N GLY A 27 -9.86 -26.39 -12.49
CA GLY A 27 -9.08 -26.93 -13.59
C GLY A 27 -9.35 -26.25 -14.94
N ILE A 28 -9.91 -25.05 -14.93
CA ILE A 28 -10.24 -24.31 -16.12
C ILE A 28 -9.02 -23.60 -16.64
N GLU A 29 -8.70 -23.88 -17.90
CA GLU A 29 -7.59 -23.23 -18.60
C GLU A 29 -7.93 -21.79 -19.00
N TYR A 30 -6.98 -20.88 -18.81
CA TYR A 30 -7.18 -19.49 -19.20
C TYR A 30 -5.85 -18.81 -19.28
N THR A 31 -5.89 -17.62 -19.82
CA THR A 31 -4.74 -16.78 -19.93
C THR A 31 -4.77 -15.73 -18.82
N ASP A 32 -3.70 -15.71 -18.02
CA ASP A 32 -3.59 -14.80 -16.91
C ASP A 32 -2.79 -13.58 -17.30
N LYS A 33 -3.44 -12.64 -17.96
CA LYS A 33 -2.77 -11.42 -18.38
C LYS A 33 -2.62 -10.42 -17.23
N ARG A 34 -1.40 -9.97 -17.03
CA ARG A 34 -1.05 -9.12 -15.90
C ARG A 34 -0.34 -7.90 -16.43
N PHE A 35 -0.94 -6.72 -16.20
CA PHE A 35 -0.36 -5.46 -16.66
C PHE A 35 0.81 -5.06 -15.77
N GLY A 36 1.86 -4.58 -16.39
CA GLY A 36 2.97 -4.03 -15.65
C GLY A 36 3.94 -5.04 -15.11
N VAL A 37 3.98 -6.24 -15.70
CA VAL A 37 4.94 -7.26 -15.31
C VAL A 37 6.33 -6.71 -15.66
N ASN A 38 6.44 -6.07 -16.81
CA ASN A 38 7.72 -5.63 -17.34
C ASN A 38 7.93 -4.12 -17.35
N GLY A 39 6.88 -3.35 -17.59
CA GLY A 39 7.07 -1.92 -17.59
C GLY A 39 5.84 -1.10 -17.34
N ASP A 40 5.81 -0.45 -16.18
CA ASP A 40 4.79 0.55 -15.81
C ASP A 40 3.36 0.12 -16.20
N ALA A 41 2.68 -0.43 -15.22
CA ALA A 41 1.32 -0.91 -15.39
C ALA A 41 0.36 0.16 -15.91
N PHE A 42 0.48 1.40 -15.42
CA PHE A 42 -0.49 2.44 -15.82
C PHE A 42 -0.52 2.68 -17.35
N VAL A 43 0.63 2.57 -18.01
CA VAL A 43 0.68 2.74 -19.45
C VAL A 43 0.03 1.58 -20.15
N GLU A 44 0.32 0.38 -19.67
CA GLU A 44 -0.28 -0.83 -20.24
C GLU A 44 -1.78 -0.89 -20.03
N PHE A 45 -2.22 -0.51 -18.84
CA PHE A 45 -3.66 -0.45 -18.59
C PHE A 45 -4.32 0.57 -19.49
N LYS A 46 -3.62 1.67 -19.74
CA LYS A 46 -4.14 2.73 -20.61
C LYS A 46 -4.33 2.18 -22.04
N ASN A 47 -3.34 1.45 -22.53
CA ASN A 47 -3.42 0.90 -23.89
C ASN A 47 -4.48 -0.19 -23.98
N PHE A 48 -4.70 -0.94 -22.89
CA PHE A 48 -5.78 -1.94 -22.79
C PHE A 48 -7.17 -1.34 -22.91
N LYS A 49 -7.47 -0.28 -22.18
CA LYS A 49 -8.78 0.35 -22.29
C LYS A 49 -9.07 0.93 -23.68
N LYS A 50 -8.03 1.36 -24.40
CA LYS A 50 -8.20 1.87 -25.77
C LYS A 50 -8.64 0.78 -26.71
N GLU A 51 -8.16 -0.44 -26.49
CA GLU A 51 -8.53 -1.57 -27.36
C GLU A 51 -9.73 -2.37 -26.87
N LYS A 52 -10.16 -2.17 -25.62
CA LYS A 52 -11.23 -3.00 -25.05
C LYS A 52 -12.34 -2.16 -24.46
N ASP A 53 -13.59 -2.54 -24.75
CA ASP A 53 -14.79 -1.94 -24.16
C ASP A 53 -15.10 -2.53 -22.77
N THR A 54 -14.70 -1.79 -21.72
CA THR A 54 -14.98 -2.18 -20.35
C THR A 54 -16.12 -1.31 -19.80
N PRO A 55 -16.98 -1.87 -18.95
CA PRO A 55 -18.10 -1.06 -18.45
C PRO A 55 -17.67 0.10 -17.54
N PHE A 56 -16.57 -0.04 -16.82
CA PHE A 56 -16.20 0.95 -15.83
C PHE A 56 -14.74 1.35 -15.88
N GLU A 57 -14.04 0.99 -16.94
CA GLU A 57 -12.62 1.32 -17.10
C GLU A 57 -11.80 0.86 -15.92
N GLN A 58 -12.14 -0.28 -15.38
CA GLN A 58 -11.33 -0.86 -14.30
C GLN A 58 -11.14 -2.35 -14.47
N VAL A 59 -10.12 -2.88 -13.82
CA VAL A 59 -9.90 -4.32 -13.79
C VAL A 59 -10.13 -4.79 -12.37
N PRO A 60 -10.29 -6.08 -12.14
CA PRO A 60 -10.32 -7.15 -13.17
C PRO A 60 -11.41 -7.16 -14.24
N ILE A 61 -11.02 -7.70 -15.38
CA ILE A 61 -11.93 -7.97 -16.47
C ILE A 61 -11.74 -9.42 -16.83
N LEU A 62 -12.82 -10.14 -17.00
CA LEU A 62 -12.75 -11.49 -17.49
C LEU A 62 -13.41 -11.49 -18.84
N GLN A 63 -12.63 -11.88 -19.83
CA GLN A 63 -13.13 -12.02 -21.18
C GLN A 63 -13.23 -13.50 -21.58
N ILE A 64 -14.46 -13.93 -21.84
CA ILE A 64 -14.78 -15.27 -22.33
C ILE A 64 -15.34 -15.12 -23.73
N GLY A 65 -14.55 -15.45 -24.75
CA GLY A 65 -14.89 -15.16 -26.12
C GLY A 65 -14.86 -13.69 -26.36
N ASP A 66 -15.98 -13.15 -26.85
CA ASP A 66 -16.15 -11.72 -26.95
C ASP A 66 -16.92 -11.15 -25.77
N LEU A 67 -17.30 -12.00 -24.84
CA LEU A 67 -17.98 -11.53 -23.64
C LEU A 67 -17.01 -10.83 -22.67
N ILE A 68 -17.32 -9.60 -22.28
CA ILE A 68 -16.53 -8.86 -21.32
C ILE A 68 -17.27 -8.81 -19.98
N LEU A 69 -16.65 -9.35 -18.93
CA LEU A 69 -17.22 -9.35 -17.60
C LEU A 69 -16.33 -8.48 -16.70
N ALA A 70 -16.95 -7.53 -16.01
CA ALA A 70 -16.23 -6.73 -15.04
C ALA A 70 -16.81 -6.98 -13.67
N GLN A 71 -16.10 -6.45 -12.67
CA GLN A 71 -16.43 -6.51 -11.25
C GLN A 71 -16.11 -7.84 -10.65
N SER A 72 -15.03 -7.86 -9.88
CA SER A 72 -14.49 -9.11 -9.31
C SER A 72 -15.51 -9.92 -8.58
N GLN A 73 -16.29 -9.28 -7.73
CA GLN A 73 -17.29 -10.02 -6.94
C GLN A 73 -18.34 -10.67 -7.79
N ALA A 74 -18.81 -9.96 -8.81
CA ALA A 74 -19.86 -10.47 -9.68
C ALA A 74 -19.29 -11.57 -10.54
N ILE A 75 -18.03 -11.44 -10.94
CA ILE A 75 -17.38 -12.51 -11.70
C ILE A 75 -17.32 -13.76 -10.85
N VAL A 76 -16.85 -13.64 -9.61
CA VAL A 76 -16.80 -14.82 -8.71
C VAL A 76 -18.15 -15.53 -8.58
N ARG A 77 -19.23 -14.78 -8.39
CA ARG A 77 -20.53 -15.37 -8.19
C ARG A 77 -21.01 -16.09 -9.43
N TYR A 78 -20.81 -15.47 -10.58
CA TYR A 78 -21.19 -16.08 -11.84
C TYR A 78 -20.45 -17.39 -12.07
N LEU A 79 -19.14 -17.34 -11.94
CA LEU A 79 -18.31 -18.51 -12.10
C LEU A 79 -18.76 -19.60 -11.14
N SER A 80 -19.09 -19.22 -9.90
CA SER A 80 -19.41 -20.17 -8.83
C SER A 80 -20.74 -20.83 -9.04
N LYS A 81 -21.70 -20.08 -9.56
CA LYS A 81 -23.01 -20.63 -9.92
C LYS A 81 -22.86 -21.54 -11.14
N LYS A 82 -22.15 -21.08 -12.15
CA LYS A 82 -21.90 -21.94 -13.30
C LYS A 82 -21.24 -23.27 -12.93
N TYR A 83 -20.22 -23.25 -12.09
CA TYR A 83 -19.52 -24.48 -11.82
C TYR A 83 -19.83 -25.12 -10.46
N ASN A 84 -21.00 -24.82 -9.92
CA ASN A 84 -21.51 -25.52 -8.76
C ASN A 84 -20.62 -25.49 -7.51
N ILE A 85 -20.08 -24.32 -7.15
CA ILE A 85 -19.45 -24.09 -5.88
C ILE A 85 -20.11 -22.88 -5.19
N CYS A 86 -21.43 -22.81 -5.28
CA CYS A 86 -22.19 -21.76 -4.65
C CYS A 86 -23.28 -22.28 -3.69
N GLY A 87 -23.10 -23.49 -3.17
CA GLY A 87 -24.07 -24.10 -2.27
C GLY A 87 -25.12 -24.89 -3.03
N GLU A 88 -26.02 -25.52 -2.30
CA GLU A 88 -26.99 -26.43 -2.91
C GLU A 88 -28.39 -26.20 -2.40
N SER A 89 -28.58 -25.09 -1.71
CA SER A 89 -29.87 -24.64 -1.31
C SER A 89 -29.83 -23.12 -1.41
N GLU A 90 -30.99 -22.52 -1.53
CA GLU A 90 -31.12 -21.07 -1.64
C GLU A 90 -30.53 -20.41 -0.38
N LEU A 91 -30.66 -21.08 0.76
CA LEU A 91 -30.14 -20.61 2.03
C LEU A 91 -28.63 -20.72 2.11
N ASN A 92 -28.06 -21.89 1.83
CA ASN A 92 -26.61 -21.99 1.69
C ASN A 92 -25.99 -21.06 0.63
N GLU A 93 -26.73 -20.76 -0.42
CA GLU A 93 -26.24 -19.84 -1.43
C GLU A 93 -26.11 -18.45 -0.77
N PHE A 94 -27.09 -18.09 0.04
CA PHE A 94 -27.04 -16.82 0.76
C PHE A 94 -25.88 -16.82 1.75
N TYR A 95 -25.73 -17.91 2.49
CA TYR A 95 -24.65 -17.97 3.47
C TYR A 95 -23.25 -17.85 2.86
N ALA A 96 -23.00 -18.51 1.74
CA ALA A 96 -21.72 -18.36 1.04
C ALA A 96 -21.48 -16.90 0.67
N ASP A 97 -22.53 -16.27 0.16
CA ASP A 97 -22.52 -14.87 -0.25
C ASP A 97 -22.25 -13.95 0.97
N MET A 98 -22.96 -14.15 2.07
CA MET A 98 -22.71 -13.47 3.34
C MET A 98 -21.29 -13.60 3.85
N ILE A 99 -20.73 -14.80 3.79
CA ILE A 99 -19.38 -15.03 4.24
C ILE A 99 -18.40 -14.28 3.34
N PHE A 100 -18.62 -14.37 2.03
CA PHE A 100 -17.79 -13.63 1.10
C PHE A 100 -17.79 -12.14 1.38
N CYS A 101 -18.97 -11.59 1.61
CA CYS A 101 -19.06 -10.18 1.94
C CYS A 101 -18.36 -9.87 3.24
N GLY A 102 -18.42 -10.77 4.21
CA GLY A 102 -17.68 -10.55 5.43
C GLY A 102 -16.18 -10.56 5.17
N VAL A 103 -15.73 -11.47 4.35
CA VAL A 103 -14.31 -11.55 4.00
C VAL A 103 -13.86 -10.24 3.40
N GLN A 104 -14.70 -9.63 2.57
CA GLN A 104 -14.33 -8.37 1.98
C GLN A 104 -14.17 -7.27 3.02
N ASP A 105 -15.03 -7.23 4.05
CA ASP A 105 -14.89 -6.21 5.10
C ASP A 105 -13.49 -6.37 5.74
N ILE A 106 -13.15 -7.56 6.20
CA ILE A 106 -11.86 -7.70 6.91
C ILE A 106 -10.64 -7.63 5.96
N HIS A 107 -10.82 -8.09 4.74
CA HIS A 107 -9.74 -8.09 3.77
C HIS A 107 -9.34 -6.65 3.52
N TYR A 108 -10.34 -5.78 3.32
CA TYR A 108 -10.10 -4.37 3.10
C TYR A 108 -9.31 -3.76 4.25
N LYS A 109 -9.70 -4.05 5.49
CA LYS A 109 -8.96 -3.58 6.64
C LYS A 109 -7.51 -4.08 6.65
N PHE A 110 -7.30 -5.34 6.31
CA PHE A 110 -5.95 -5.89 6.31
C PHE A 110 -5.07 -5.21 5.27
N ASN A 111 -5.62 -4.96 4.08
CA ASN A 111 -4.93 -4.26 3.02
C ASN A 111 -4.63 -2.78 3.37
N ASN A 112 -5.58 -2.14 4.02
CA ASN A 112 -5.40 -0.75 4.40
C ASN A 112 -4.37 -0.55 5.50
N THR A 113 -4.09 -1.57 6.31
CA THR A 113 -3.13 -1.43 7.40
C THR A 113 -1.81 -2.14 7.18
N ASN A 114 -1.81 -3.27 6.47
CA ASN A 114 -0.55 -3.87 6.04
C ASN A 114 0.14 -3.00 5.01
N LEU A 115 1.46 -3.08 4.97
CA LEU A 115 2.31 -2.30 4.07
C LEU A 115 2.75 -0.99 4.73
N PHE A 116 1.78 -0.13 5.03
CA PHE A 116 2.05 1.16 5.67
C PHE A 116 2.15 1.09 7.18
N LYS A 117 1.52 0.08 7.77
CA LYS A 117 1.45 -0.09 9.23
C LYS A 117 0.61 1.02 9.91
N GLN A 118 -0.26 1.67 9.15
CA GLN A 118 -1.05 2.81 9.62
C GLN A 118 -1.69 2.65 11.01
N ASN A 119 -2.43 1.55 11.19
CA ASN A 119 -3.15 1.29 12.42
C ASN A 119 -2.99 -0.16 12.75
N GLU A 120 -1.74 -0.60 12.80
CA GLU A 120 -1.45 -2.00 12.89
C GLU A 120 -1.94 -2.61 14.20
N THR A 121 -1.64 -1.98 15.33
CA THR A 121 -2.01 -2.55 16.63
C THR A 121 -3.53 -2.57 16.81
N THR A 122 -4.24 -1.64 16.19
CA THR A 122 -5.69 -1.69 16.23
C THR A 122 -6.19 -2.90 15.41
N PHE A 123 -5.61 -3.07 14.24
CA PHE A 123 -5.92 -4.24 13.39
C PHE A 123 -5.60 -5.55 14.12
N LEU A 124 -4.46 -5.60 14.79
CA LEU A 124 -3.97 -6.83 15.37
C LEU A 124 -4.63 -7.21 16.67
N ASN A 125 -4.90 -6.24 17.54
CA ASN A 125 -5.51 -6.54 18.85
C ASN A 125 -7.01 -6.45 18.85
N GLU A 126 -7.58 -5.75 17.89
CA GLU A 126 -9.04 -5.64 17.85
C GLU A 126 -9.69 -6.32 16.63
N ASP A 127 -9.41 -5.83 15.42
CA ASP A 127 -10.22 -6.22 14.26
C ASP A 127 -9.98 -7.65 13.80
N LEU A 128 -8.71 -8.02 13.64
CA LEU A 128 -8.34 -9.37 13.21
C LEU A 128 -8.83 -10.49 14.16
N PRO A 129 -8.63 -10.33 15.46
CA PRO A 129 -9.07 -11.37 16.36
C PRO A 129 -10.58 -11.47 16.33
N LYS A 130 -11.24 -10.31 16.31
CA LYS A 130 -12.70 -10.21 16.25
C LYS A 130 -13.21 -10.97 15.03
N TRP A 131 -12.65 -10.65 13.87
CA TRP A 131 -13.10 -11.26 12.61
C TRP A 131 -12.69 -12.73 12.55
N SER A 132 -11.50 -13.05 13.02
CA SER A 132 -11.12 -14.46 13.11
C SER A 132 -12.12 -15.22 13.95
N GLY A 133 -12.57 -14.61 15.04
CA GLY A 133 -13.60 -15.24 15.86
C GLY A 133 -14.93 -15.43 15.16
N TYR A 134 -15.35 -14.47 14.36
CA TYR A 134 -16.56 -14.60 13.53
C TYR A 134 -16.52 -15.81 12.62
N PHE A 135 -15.42 -15.99 11.91
CA PHE A 135 -15.27 -17.12 10.98
C PHE A 135 -15.15 -18.45 11.69
N GLU A 136 -14.39 -18.47 12.76
CA GLU A 136 -14.32 -19.65 13.63
C GLU A 136 -15.69 -20.06 14.07
N LYS A 137 -16.45 -19.10 14.57
CA LYS A 137 -17.81 -19.37 15.00
C LYS A 137 -18.70 -19.89 13.86
N LEU A 138 -18.57 -19.29 12.68
CA LEU A 138 -19.37 -19.75 11.53
C LEU A 138 -18.99 -21.19 11.19
N LEU A 139 -17.69 -21.48 11.29
CA LEU A 139 -17.21 -22.83 11.04
C LEU A 139 -17.82 -23.86 11.97
N LYS A 140 -17.84 -23.56 13.28
CA LYS A 140 -18.50 -24.44 14.26
C LYS A 140 -19.96 -24.72 13.95
N LYS A 141 -20.70 -23.71 13.50
CA LYS A 141 -22.10 -23.87 13.13
C LYS A 141 -22.34 -24.87 12.01
N ASN A 142 -21.33 -25.15 11.20
CA ASN A 142 -21.46 -26.14 10.14
C ASN A 142 -20.83 -27.51 10.49
N HIS A 143 -20.68 -27.78 11.80
CA HIS A 143 -20.00 -28.99 12.35
C HIS A 143 -20.56 -30.34 11.87
N THR A 144 -21.89 -30.43 11.79
CA THR A 144 -22.57 -31.67 11.40
C THR A 144 -22.30 -32.02 9.94
N ASN A 145 -22.18 -30.99 9.11
CA ASN A 145 -21.65 -31.12 7.75
C ASN A 145 -20.17 -31.45 7.90
N ASN A 146 -20.00 -32.75 7.99
CA ASN A 146 -18.87 -33.49 8.56
C ASN A 146 -17.56 -32.98 9.19
N ASN A 147 -17.07 -33.91 10.02
CA ASN A 147 -15.92 -33.87 10.90
C ASN A 147 -14.72 -34.64 10.28
N ASN A 148 -15.02 -35.45 9.25
CA ASN A 148 -14.07 -36.37 8.57
C ASN A 148 -12.81 -35.80 7.88
N ASP A 149 -12.10 -34.88 8.56
CA ASP A 149 -10.95 -34.16 8.01
C ASP A 149 -11.31 -33.22 6.83
N LYS A 150 -12.61 -33.02 6.60
CA LYS A 150 -13.08 -32.03 5.63
C LYS A 150 -13.72 -30.85 6.37
N TYR A 151 -13.34 -29.63 5.99
CA TYR A 151 -13.91 -28.40 6.58
C TYR A 151 -14.50 -27.44 5.55
N TYR A 152 -15.82 -27.17 5.68
CA TYR A 152 -16.52 -26.25 4.78
C TYR A 152 -17.28 -25.23 5.60
N PHE A 153 -17.37 -24.00 5.08
CA PHE A 153 -18.17 -22.98 5.74
C PHE A 153 -19.66 -23.19 5.51
N VAL A 154 -20.00 -23.80 4.39
CA VAL A 154 -21.39 -23.92 4.00
C VAL A 154 -21.68 -25.32 3.48
N GLY A 155 -22.64 -25.98 4.07
CA GLY A 155 -23.04 -27.30 3.61
C GLY A 155 -21.92 -28.30 3.73
N ASN A 156 -21.92 -29.27 2.84
CA ASN A 156 -20.91 -30.31 2.91
C ASN A 156 -20.13 -30.45 1.61
N ASN A 157 -20.09 -29.36 0.84
CA ASN A 157 -19.27 -29.28 -0.35
C ASN A 157 -18.59 -27.92 -0.38
N LEU A 158 -17.44 -27.89 -1.00
CA LEU A 158 -16.69 -26.66 -1.14
C LEU A 158 -17.50 -25.57 -1.86
N THR A 159 -17.35 -24.33 -1.39
CA THR A 159 -17.93 -23.18 -2.06
C THR A 159 -16.86 -22.14 -2.22
N TYR A 160 -17.12 -21.14 -3.05
CA TYR A 160 -16.19 -20.04 -3.21
C TYR A 160 -15.91 -19.33 -1.87
N ALA A 161 -16.82 -19.47 -0.92
CA ALA A 161 -16.61 -18.86 0.39
C ALA A 161 -15.42 -19.52 1.06
N ASP A 162 -15.30 -20.82 0.90
CA ASP A 162 -14.13 -21.53 1.40
C ASP A 162 -12.88 -20.95 0.81
N LEU A 163 -12.85 -20.82 -0.51
CA LEU A 163 -11.70 -20.27 -1.21
C LEU A 163 -11.44 -18.84 -0.84
N ALA A 164 -12.48 -18.05 -0.58
CA ALA A 164 -12.32 -16.64 -0.21
C ALA A 164 -11.67 -16.53 1.16
N VAL A 165 -12.14 -17.34 2.10
CA VAL A 165 -11.61 -17.32 3.45
C VAL A 165 -10.18 -17.80 3.39
N PHE A 166 -9.93 -18.85 2.62
CA PHE A 166 -8.55 -19.30 2.43
C PHE A 166 -7.70 -18.17 1.96
N ASN A 167 -8.14 -17.47 0.91
CA ASN A 167 -7.32 -16.42 0.32
C ASN A 167 -7.10 -15.33 1.34
N LEU A 168 -8.13 -15.04 2.11
CA LEU A 168 -8.03 -14.03 3.15
C LEU A 168 -6.90 -14.39 4.12
N TYR A 169 -6.93 -15.59 4.71
CA TYR A 169 -5.89 -15.93 5.70
C TYR A 169 -4.56 -16.40 5.11
N ASP A 170 -4.57 -16.81 3.84
CA ASP A 170 -3.29 -17.08 3.16
C ASP A 170 -2.52 -15.74 3.14
N ASP A 171 -3.23 -14.69 2.79
CA ASP A 171 -2.71 -13.34 2.67
C ASP A 171 -2.25 -12.79 4.04
N ILE A 172 -3.09 -12.96 5.05
CA ILE A 172 -2.79 -12.45 6.37
C ILE A 172 -1.62 -13.20 6.97
N GLU A 173 -1.62 -14.52 6.84
CA GLU A 173 -0.55 -15.39 7.37
C GLU A 173 0.83 -15.07 6.84
N THR A 174 0.94 -14.47 5.65
CA THR A 174 2.25 -14.08 5.17
C THR A 174 2.84 -13.03 6.10
N LYS A 175 2.04 -11.99 6.37
CA LYS A 175 2.51 -10.87 7.20
C LYS A 175 2.58 -11.21 8.67
N TYR A 176 1.56 -11.90 9.18
CA TYR A 176 1.41 -12.16 10.60
C TYR A 176 1.26 -13.65 10.79
N PRO A 177 2.36 -14.38 10.61
CA PRO A 177 2.31 -15.84 10.51
C PRO A 177 1.64 -16.59 11.67
N SER A 178 1.62 -16.07 12.88
CA SER A 178 1.00 -16.80 14.00
C SER A 178 -0.50 -16.45 14.21
N SER A 179 -1.09 -15.75 13.23
CA SER A 179 -2.42 -15.14 13.37
C SER A 179 -3.54 -16.16 13.62
N LEU A 180 -3.37 -17.37 13.14
CA LEU A 180 -4.37 -18.40 13.37
C LEU A 180 -4.06 -19.38 14.50
N LYS A 181 -3.12 -19.07 15.41
CA LYS A 181 -2.79 -20.03 16.49
C LYS A 181 -3.89 -20.13 17.54
N ASN A 182 -4.73 -19.10 17.68
CA ASN A 182 -5.86 -19.18 18.63
C ASN A 182 -7.17 -19.62 18.00
N PHE A 183 -7.14 -19.97 16.72
CA PHE A 183 -8.35 -20.32 15.98
C PHE A 183 -8.09 -21.61 15.26
N PRO A 184 -8.11 -22.71 16.01
CA PRO A 184 -7.68 -24.02 15.49
C PRO A 184 -8.55 -24.57 14.33
N LEU A 185 -9.85 -24.31 14.33
CA LEU A 185 -10.77 -24.75 13.28
C LEU A 185 -10.56 -23.96 12.00
N LEU A 186 -10.36 -22.66 12.16
CA LEU A 186 -9.99 -21.81 11.06
C LEU A 186 -8.64 -22.25 10.52
N LYS A 187 -7.71 -22.61 11.39
CA LYS A 187 -6.39 -23.00 10.88
C LYS A 187 -6.54 -24.31 10.12
N ALA A 188 -7.26 -25.28 10.67
CA ALA A 188 -7.47 -26.55 9.99
C ALA A 188 -8.20 -26.31 8.66
N HIS A 189 -9.29 -25.54 8.68
CA HIS A 189 -9.90 -25.09 7.45
C HIS A 189 -8.89 -24.62 6.44
N ASN A 190 -8.01 -23.73 6.82
CA ASN A 190 -7.03 -23.14 5.92
C ASN A 190 -6.05 -24.16 5.33
N GLU A 191 -5.64 -25.08 6.18
CA GLU A 191 -4.71 -26.14 5.78
C GLU A 191 -5.39 -27.14 4.84
N PHE A 192 -6.61 -27.52 5.18
CA PHE A 192 -7.40 -28.36 4.31
C PHE A 192 -7.55 -27.75 2.87
N ILE A 193 -7.94 -26.49 2.78
CA ILE A 193 -8.07 -25.89 1.46
C ILE A 193 -6.76 -25.90 0.73
N SER A 194 -5.68 -25.53 1.41
CA SER A 194 -4.38 -25.31 0.79
C SER A 194 -3.75 -26.61 0.32
N ASN A 195 -4.27 -27.74 0.79
CA ASN A 195 -3.76 -29.04 0.43
C ASN A 195 -4.64 -29.72 -0.59
N LEU A 196 -5.76 -29.13 -0.99
CA LEU A 196 -6.48 -29.68 -2.13
C LEU A 196 -5.48 -29.66 -3.28
N PRO A 197 -5.36 -30.78 -4.01
CA PRO A 197 -4.34 -30.91 -5.06
C PRO A 197 -4.32 -29.71 -6.02
N ASN A 198 -5.45 -29.33 -6.59
CA ASN A 198 -5.40 -28.22 -7.59
C ASN A 198 -4.89 -26.91 -6.97
N ILE A 199 -5.29 -26.68 -5.74
CA ILE A 199 -4.86 -25.47 -5.02
C ILE A 199 -3.39 -25.54 -4.55
N LYS A 200 -3.01 -26.66 -3.94
CA LYS A 200 -1.59 -26.87 -3.58
C LYS A 200 -0.69 -26.57 -4.77
N ASN A 201 -1.02 -27.15 -5.91
CA ASN A 201 -0.22 -26.97 -7.12
C ASN A 201 -0.11 -25.52 -7.61
N TYR A 202 -1.26 -24.82 -7.65
CA TYR A 202 -1.31 -23.43 -8.09
C TYR A 202 -0.49 -22.53 -7.18
N ILE A 203 -0.60 -22.78 -5.89
CA ILE A 203 0.12 -21.98 -4.91
C ILE A 203 1.64 -22.21 -4.91
N THR A 204 2.08 -23.44 -5.14
CA THR A 204 3.52 -23.69 -5.16
C THR A 204 4.11 -22.95 -6.35
N ASN A 205 3.43 -23.06 -7.49
CA ASN A 205 3.92 -22.42 -8.71
C ASN A 205 3.65 -20.91 -8.80
N ARG A 206 2.84 -20.38 -7.90
CA ARG A 206 2.47 -18.96 -7.93
C ARG A 206 3.68 -18.06 -7.65
N LYS A 207 3.83 -17.00 -8.42
CA LYS A 207 4.82 -15.96 -8.17
C LYS A 207 4.52 -15.15 -6.90
N GLU A 208 5.56 -14.59 -6.30
CA GLU A 208 5.40 -13.75 -5.11
C GLU A 208 4.90 -12.35 -5.50
N SER A 209 4.21 -11.70 -4.57
CA SER A 209 3.69 -10.34 -4.81
C SER A 209 3.66 -9.49 -3.56
N VAL A 210 3.61 -8.18 -3.77
CA VAL A 210 3.62 -7.19 -2.71
C VAL A 210 2.23 -7.20 -2.03
N TYR A 211 1.19 -7.40 -2.85
CA TYR A 211 -0.19 -7.60 -2.36
C TYR A 211 -0.91 -8.50 -3.36
N ASP B 3 22.87 14.69 22.88
CA ASP B 3 23.74 15.06 21.72
C ASP B 3 24.10 13.84 20.81
N ASN B 4 23.72 12.63 21.22
CA ASN B 4 23.69 11.45 20.32
C ASN B 4 22.32 11.28 19.64
N ILE B 5 22.31 11.33 18.30
CA ILE B 5 21.05 11.41 17.56
C ILE B 5 20.72 10.08 16.95
N VAL B 6 19.50 9.60 17.22
CA VAL B 6 19.02 8.35 16.63
C VAL B 6 17.57 8.49 16.12
N LEU B 7 17.39 8.17 14.83
CA LEU B 7 16.07 8.09 14.23
C LEU B 7 15.56 6.65 14.12
N TYR B 8 14.39 6.41 14.71
CA TYR B 8 13.73 5.13 14.65
C TYR B 8 12.50 5.19 13.74
N TYR B 9 12.40 4.21 12.83
CA TYR B 9 11.27 4.02 11.94
C TYR B 9 11.34 2.61 11.32
N PHE B 10 10.29 2.18 10.63
CA PHE B 10 10.34 0.93 9.86
C PHE B 10 11.27 1.11 8.65
N ASP B 11 11.61 -0.01 7.99
CA ASP B 11 12.58 -0.01 6.89
C ASP B 11 11.90 0.51 5.66
N ALA B 12 11.74 1.83 5.62
CA ALA B 12 10.98 2.44 4.54
C ALA B 12 11.18 3.95 4.57
N ARG B 13 10.88 4.58 3.44
CA ARG B 13 10.94 6.01 3.30
C ARG B 13 9.80 6.65 4.10
N GLY B 14 8.56 6.40 3.70
CA GLY B 14 7.38 6.85 4.41
C GLY B 14 7.48 8.20 5.11
N LYS B 15 7.08 8.20 6.38
CA LYS B 15 7.02 9.43 7.13
C LYS B 15 8.34 9.83 7.81
N ALA B 16 9.41 9.09 7.53
CA ALA B 16 10.71 9.40 8.11
C ALA B 16 11.66 10.02 7.13
N GLU B 17 11.36 9.91 5.83
CA GLU B 17 12.30 10.29 4.77
C GLU B 17 12.67 11.76 4.71
N LEU B 18 11.72 12.65 4.95
CA LEU B 18 12.05 14.07 4.95
C LEU B 18 12.99 14.36 6.12
N ILE B 19 12.83 13.68 7.23
CA ILE B 19 13.75 13.86 8.33
C ILE B 19 15.19 13.43 7.91
N ARG B 20 15.30 12.27 7.25
CA ARG B 20 16.59 11.78 6.75
C ARG B 20 17.18 12.74 5.75
N LEU B 21 16.32 13.33 4.92
CA LEU B 21 16.77 14.29 3.93
C LEU B 21 17.31 15.53 4.58
N ILE B 22 16.64 15.99 5.62
CA ILE B 22 17.05 17.18 6.33
C ILE B 22 18.45 16.94 6.96
N PHE B 23 18.64 15.79 7.59
CA PHE B 23 19.91 15.46 8.22
C PHE B 23 21.01 15.43 7.14
N ALA B 24 20.71 14.80 6.00
CA ALA B 24 21.63 14.76 4.88
C ALA B 24 21.93 16.17 4.39
N TYR B 25 20.93 17.01 4.26
CA TYR B 25 21.20 18.35 3.75
C TYR B 25 22.14 19.07 4.71
N LEU B 26 21.87 18.95 6.01
CA LEU B 26 22.63 19.69 7.02
C LEU B 26 23.97 19.04 7.39
N GLY B 27 24.26 17.87 6.81
CA GLY B 27 25.42 17.07 7.19
C GLY B 27 25.47 16.82 8.69
N ILE B 28 24.35 16.38 9.25
CA ILE B 28 24.27 15.97 10.65
C ILE B 28 24.33 14.47 10.67
N GLU B 29 25.23 13.93 11.49
CA GLU B 29 25.36 12.49 11.60
C GLU B 29 24.42 12.02 12.67
N TYR B 30 23.86 10.84 12.44
CA TYR B 30 22.89 10.21 13.35
C TYR B 30 22.75 8.73 13.00
N THR B 31 22.14 7.98 13.89
CA THR B 31 21.89 6.57 13.62
C THR B 31 20.49 6.39 13.04
N ASP B 32 20.44 5.86 11.81
CA ASP B 32 19.20 5.54 11.15
C ASP B 32 18.73 4.13 11.49
N LYS B 33 18.08 3.96 12.64
CA LYS B 33 17.50 2.69 13.04
C LYS B 33 16.20 2.36 12.26
N ARG B 34 16.28 1.26 11.52
CA ARG B 34 15.17 0.74 10.74
C ARG B 34 14.79 -0.61 11.32
N PHE B 35 13.55 -0.74 11.78
CA PHE B 35 13.10 -1.98 12.30
C PHE B 35 13.04 -3.00 11.14
N GLY B 36 13.51 -4.20 11.41
CA GLY B 36 13.43 -5.28 10.45
C GLY B 36 14.73 -5.55 9.71
N VAL B 37 15.69 -4.65 9.82
CA VAL B 37 17.02 -4.84 9.22
C VAL B 37 17.70 -6.00 9.91
N ASN B 38 17.53 -6.09 11.23
CA ASN B 38 17.98 -7.24 12.03
C ASN B 38 17.04 -8.46 11.94
N GLY B 39 16.02 -8.37 11.07
CA GLY B 39 14.98 -9.37 10.93
C GLY B 39 13.88 -9.06 11.93
N ASP B 40 12.67 -9.51 11.63
CA ASP B 40 11.53 -9.39 12.55
C ASP B 40 11.22 -7.97 13.04
N ALA B 41 10.72 -7.13 12.12
CA ALA B 41 10.31 -5.76 12.43
C ALA B 41 9.30 -5.74 13.59
N PHE B 42 8.36 -6.65 13.57
CA PHE B 42 7.35 -6.75 14.63
C PHE B 42 7.98 -6.80 16.04
N VAL B 43 8.99 -7.65 16.24
CA VAL B 43 9.52 -7.81 17.59
C VAL B 43 10.31 -6.58 18.00
N GLU B 44 11.09 -6.03 17.09
CA GLU B 44 11.88 -4.83 17.35
C GLU B 44 10.96 -3.68 17.74
N PHE B 45 10.02 -3.35 16.88
CA PHE B 45 9.04 -2.31 17.20
C PHE B 45 8.37 -2.56 18.52
N LYS B 46 8.10 -3.83 18.85
CA LYS B 46 7.43 -4.17 20.12
C LYS B 46 8.38 -3.92 21.27
N ASN B 47 9.64 -4.32 21.09
CA ASN B 47 10.66 -4.14 22.13
C ASN B 47 11.00 -2.69 22.28
N PHE B 48 10.97 -1.97 21.18
CA PHE B 48 11.16 -0.53 21.18
C PHE B 48 10.15 0.23 22.05
N LYS B 49 8.86 -0.08 21.90
CA LYS B 49 7.82 0.55 22.71
C LYS B 49 7.96 0.23 24.21
N LYS B 50 8.55 -0.92 24.54
CA LYS B 50 8.79 -1.29 25.93
C LYS B 50 9.95 -0.47 26.52
N GLU B 51 11.02 -0.31 25.73
CA GLU B 51 12.26 0.34 26.18
C GLU B 51 12.18 1.86 26.20
N LYS B 52 11.46 2.44 25.22
CA LYS B 52 11.37 3.90 25.04
C LYS B 52 9.97 4.35 25.45
N ASP B 53 9.90 5.56 25.97
CA ASP B 53 8.66 6.17 26.45
C ASP B 53 8.10 7.02 25.31
N THR B 54 7.39 6.40 24.38
CA THR B 54 6.79 7.14 23.28
C THR B 54 5.45 7.70 23.72
N PRO B 55 5.09 8.91 23.26
CA PRO B 55 3.81 9.51 23.63
C PRO B 55 2.57 8.86 23.02
N PHE B 56 2.66 8.36 21.77
CA PHE B 56 1.50 7.79 21.07
C PHE B 56 1.80 6.41 20.50
N GLU B 57 2.86 5.78 20.98
CA GLU B 57 3.23 4.43 20.55
C GLU B 57 3.41 4.27 19.06
N GLN B 58 3.94 5.33 18.44
CA GLN B 58 4.13 5.39 17.01
C GLN B 58 5.54 5.83 16.66
N VAL B 59 5.94 5.55 15.42
CA VAL B 59 7.20 6.01 14.88
C VAL B 59 6.83 6.79 13.62
N PRO B 60 7.68 7.71 13.13
CA PRO B 60 9.03 7.97 13.64
C PRO B 60 9.13 8.55 15.00
N ILE B 61 10.25 8.24 15.65
CA ILE B 61 10.66 8.79 16.91
C ILE B 61 12.08 9.26 16.64
N LEU B 62 12.40 10.49 17.02
CA LEU B 62 13.76 10.99 16.95
C LEU B 62 14.27 11.16 18.37
N GLN B 63 15.34 10.46 18.72
CA GLN B 63 15.93 10.61 20.04
C GLN B 63 17.24 11.43 20.06
N ILE B 64 17.25 12.53 20.80
CA ILE B 64 18.44 13.38 20.94
C ILE B 64 18.94 13.29 22.36
N GLY B 65 20.07 12.62 22.54
CA GLY B 65 20.57 12.31 23.87
C GLY B 65 19.53 11.48 24.59
N ASP B 66 18.84 12.14 25.51
CA ASP B 66 17.80 11.51 26.33
C ASP B 66 16.41 11.95 25.89
N LEU B 67 16.32 12.94 24.99
CA LEU B 67 15.05 13.52 24.55
C LEU B 67 14.31 12.64 23.54
N ILE B 68 13.07 12.25 23.85
CA ILE B 68 12.22 11.55 22.87
C ILE B 68 11.35 12.55 22.12
N LEU B 69 11.50 12.58 20.81
CA LEU B 69 10.66 13.43 19.98
C LEU B 69 9.85 12.55 19.04
N ALA B 70 8.52 12.79 19.05
CA ALA B 70 7.58 12.07 18.20
C ALA B 70 6.84 13.04 17.26
N GLN B 71 6.17 12.46 16.27
CA GLN B 71 5.37 13.19 15.26
C GLN B 71 6.25 13.82 14.21
N SER B 72 6.30 13.18 13.06
CA SER B 72 7.21 13.52 12.00
C SER B 72 7.12 14.99 11.65
N GLN B 73 5.90 15.52 11.54
CA GLN B 73 5.71 16.93 11.18
C GLN B 73 6.35 17.84 12.24
N ALA B 74 6.08 17.56 13.52
CA ALA B 74 6.63 18.38 14.62
C ALA B 74 8.18 18.29 14.64
N ILE B 75 8.68 17.09 14.35
CA ILE B 75 10.14 16.88 14.34
C ILE B 75 10.76 17.72 13.23
N VAL B 76 10.15 17.65 12.04
CA VAL B 76 10.61 18.39 10.90
C VAL B 76 10.67 19.91 11.23
N ARG B 77 9.59 20.43 11.82
CA ARG B 77 9.51 21.86 12.11
C ARG B 77 10.50 22.26 13.19
N TYR B 78 10.66 21.44 14.20
CA TYR B 78 11.65 21.73 15.23
C TYR B 78 13.06 21.76 14.67
N LEU B 79 13.43 20.72 13.96
CA LEU B 79 14.73 20.63 13.31
C LEU B 79 14.98 21.84 12.44
N SER B 80 13.98 22.24 11.68
CA SER B 80 14.15 23.35 10.74
C SER B 80 14.37 24.67 11.43
N LYS B 81 13.76 24.89 12.59
CA LYS B 81 13.99 26.15 13.30
C LYS B 81 15.41 26.15 13.87
N LYS B 82 15.80 25.06 14.50
CA LYS B 82 17.12 24.96 15.09
C LYS B 82 18.23 25.16 14.05
N TYR B 83 18.05 24.59 12.87
CA TYR B 83 19.08 24.64 11.86
C TYR B 83 18.85 25.64 10.73
N ASN B 84 17.93 26.57 10.93
CA ASN B 84 17.74 27.70 10.02
C ASN B 84 17.34 27.35 8.58
N ILE B 85 16.35 26.50 8.42
CA ILE B 85 15.77 26.26 7.11
C ILE B 85 14.26 26.40 7.25
N CYS B 86 13.85 27.29 8.15
CA CYS B 86 12.43 27.53 8.37
C CYS B 86 12.06 28.93 7.88
N GLY B 87 12.93 29.55 7.11
CA GLY B 87 12.63 30.86 6.57
C GLY B 87 13.24 31.96 7.43
N GLU B 88 13.21 33.16 6.83
CA GLU B 88 13.94 34.32 7.31
C GLU B 88 13.00 35.33 7.95
N SER B 89 11.70 35.14 7.75
CA SER B 89 10.71 36.02 8.34
C SER B 89 9.54 35.19 8.83
N GLU B 90 8.71 35.84 9.62
CA GLU B 90 7.52 35.21 10.19
C GLU B 90 6.53 34.78 9.08
N LEU B 91 6.48 35.58 8.02
CA LEU B 91 5.61 35.34 6.89
C LEU B 91 6.11 34.15 6.12
N ASN B 92 7.39 34.16 5.79
CA ASN B 92 8.02 33.04 5.15
C ASN B 92 8.01 31.72 5.96
N GLU B 93 8.17 31.80 7.27
CA GLU B 93 8.00 30.66 8.14
C GLU B 93 6.60 30.08 7.96
N PHE B 94 5.62 30.97 7.88
CA PHE B 94 4.25 30.57 7.62
C PHE B 94 4.13 29.92 6.27
N TYR B 95 4.70 30.54 5.23
CA TYR B 95 4.59 30.00 3.88
C TYR B 95 5.21 28.63 3.74
N ALA B 96 6.38 28.45 4.30
CA ALA B 96 7.04 27.15 4.29
C ALA B 96 6.13 26.12 4.96
N ASP B 97 5.52 26.53 6.06
CA ASP B 97 4.58 25.70 6.83
C ASP B 97 3.36 25.32 5.99
N MET B 98 2.71 26.32 5.44
CA MET B 98 1.60 26.16 4.52
C MET B 98 1.92 25.22 3.35
N ILE B 99 3.10 25.38 2.76
CA ILE B 99 3.46 24.54 1.65
C ILE B 99 3.67 23.10 2.10
N PHE B 100 4.30 22.91 3.25
CA PHE B 100 4.48 21.58 3.81
C PHE B 100 3.12 20.88 4.04
N CYS B 101 2.12 21.64 4.51
CA CYS B 101 0.80 21.09 4.72
C CYS B 101 0.17 20.76 3.40
N GLY B 102 0.43 21.56 2.36
CA GLY B 102 -0.06 21.23 1.03
C GLY B 102 0.56 19.92 0.56
N VAL B 103 1.87 19.77 0.77
CA VAL B 103 2.55 18.55 0.39
C VAL B 103 1.86 17.34 1.05
N GLN B 104 1.52 17.46 2.34
CA GLN B 104 0.89 16.35 3.05
C GLN B 104 -0.42 15.95 2.36
N ASP B 105 -1.18 16.92 1.89
CA ASP B 105 -2.43 16.65 1.20
C ASP B 105 -2.19 15.76 -0.03
N ILE B 106 -1.35 16.14 -0.98
CA ILE B 106 -1.19 15.26 -2.16
C ILE B 106 -0.44 14.01 -1.87
N HIS B 107 0.48 14.05 -0.91
CA HIS B 107 1.39 12.93 -0.69
C HIS B 107 0.54 11.77 -0.20
N TYR B 108 -0.41 12.11 0.65
CA TYR B 108 -1.39 11.17 1.15
C TYR B 108 -2.12 10.52 -0.01
N LYS B 109 -2.65 11.31 -0.93
CA LYS B 109 -3.37 10.74 -2.04
C LYS B 109 -2.42 9.85 -2.88
N PHE B 110 -1.19 10.30 -3.12
CA PHE B 110 -0.24 9.53 -3.94
C PHE B 110 -0.01 8.14 -3.36
N ASN B 111 0.20 8.10 -2.04
CA ASN B 111 0.42 6.85 -1.30
C ASN B 111 -0.79 5.90 -1.37
N ASN B 112 -2.00 6.46 -1.23
CA ASN B 112 -3.23 5.68 -1.35
C ASN B 112 -3.47 5.10 -2.75
N THR B 113 -2.83 5.63 -3.79
CA THR B 113 -3.12 5.17 -5.15
C THR B 113 -2.00 4.34 -5.83
N ASN B 114 -0.73 4.65 -5.58
CA ASN B 114 0.40 4.07 -6.34
C ASN B 114 0.55 2.56 -6.25
N LEU B 115 0.44 2.05 -5.02
CA LEU B 115 0.62 0.62 -4.83
C LEU B 115 -0.59 -0.23 -5.24
N PHE B 116 -1.80 0.19 -4.88
CA PHE B 116 -3.02 -0.59 -5.16
C PHE B 116 -3.67 -0.28 -6.52
N LYS B 117 -3.26 0.82 -7.13
CA LYS B 117 -3.84 1.36 -8.36
C LYS B 117 -5.30 1.79 -8.15
N GLN B 118 -5.68 1.95 -6.88
CA GLN B 118 -7.07 2.25 -6.44
C GLN B 118 -7.94 3.17 -7.36
N ASN B 119 -7.50 4.41 -7.51
CA ASN B 119 -8.17 5.41 -8.34
C ASN B 119 -7.08 6.09 -9.19
N GLU B 120 -6.21 5.26 -9.75
CA GLU B 120 -4.99 5.71 -10.37
C GLU B 120 -5.31 6.66 -11.49
N THR B 121 -6.31 6.34 -12.27
CA THR B 121 -6.69 7.20 -13.36
C THR B 121 -7.15 8.58 -12.89
N THR B 122 -7.90 8.62 -11.80
CA THR B 122 -8.44 9.86 -11.30
C THR B 122 -7.27 10.67 -10.74
N PHE B 123 -6.42 10.04 -9.96
CA PHE B 123 -5.22 10.69 -9.47
C PHE B 123 -4.37 11.29 -10.60
N LEU B 124 -4.09 10.51 -11.65
CA LEU B 124 -3.22 10.98 -12.74
C LEU B 124 -3.88 11.96 -13.68
N ASN B 125 -5.20 11.94 -13.74
CA ASN B 125 -5.92 12.84 -14.64
C ASN B 125 -6.46 14.11 -13.98
N GLU B 126 -6.64 14.09 -12.67
CA GLU B 126 -7.33 15.18 -11.99
C GLU B 126 -6.50 15.65 -10.80
N ASP B 127 -6.24 14.77 -9.84
CA ASP B 127 -5.58 15.21 -8.61
C ASP B 127 -4.15 15.71 -8.84
N LEU B 128 -3.35 14.91 -9.55
CA LEU B 128 -1.91 15.18 -9.69
C LEU B 128 -1.58 16.46 -10.48
N PRO B 129 -2.11 16.61 -11.70
CA PRO B 129 -1.86 17.86 -12.44
C PRO B 129 -2.42 19.11 -11.74
N LYS B 130 -3.54 18.98 -11.03
CA LYS B 130 -4.12 20.09 -10.26
C LYS B 130 -3.15 20.53 -9.15
N TRP B 131 -2.72 19.58 -8.34
CA TRP B 131 -1.78 19.87 -7.27
C TRP B 131 -0.41 20.28 -7.78
N SER B 132 0.05 19.71 -8.88
CA SER B 132 1.32 20.14 -9.45
C SER B 132 1.17 21.54 -9.96
N GLY B 133 -0.02 21.88 -10.45
CA GLY B 133 -0.28 23.24 -10.89
C GLY B 133 -0.23 24.21 -9.74
N TYR B 134 -0.75 23.81 -8.59
CA TYR B 134 -0.71 24.66 -7.41
C TYR B 134 0.72 24.98 -7.03
N PHE B 135 1.56 23.95 -6.96
CA PHE B 135 2.98 24.14 -6.63
C PHE B 135 3.77 24.90 -7.68
N GLU B 136 3.43 24.71 -8.96
CA GLU B 136 4.09 25.45 -10.03
C GLU B 136 3.85 26.93 -9.80
N LYS B 137 2.61 27.28 -9.48
CA LYS B 137 2.19 28.68 -9.30
C LYS B 137 2.84 29.32 -8.06
N LEU B 138 3.02 28.55 -6.99
CA LEU B 138 3.78 29.01 -5.83
C LEU B 138 5.24 29.27 -6.21
N LEU B 139 5.90 28.35 -6.91
CA LEU B 139 7.27 28.63 -7.33
C LEU B 139 7.32 29.90 -8.13
N LYS B 140 6.38 30.02 -9.06
CA LYS B 140 6.29 31.21 -9.90
C LYS B 140 6.16 32.49 -9.10
N LYS B 141 5.33 32.51 -8.06
CA LYS B 141 5.15 33.73 -7.25
C LYS B 141 6.44 34.14 -6.56
N ASN B 142 7.34 33.18 -6.34
CA ASN B 142 8.63 33.41 -5.73
C ASN B 142 9.77 33.34 -6.74
N HIS B 143 9.51 33.61 -8.01
CA HIS B 143 10.53 33.24 -8.99
C HIS B 143 11.72 34.13 -9.12
N THR B 144 11.56 35.44 -9.07
CA THR B 144 12.77 36.27 -9.21
C THR B 144 13.54 36.48 -7.92
N ASN B 145 13.25 35.58 -6.96
CA ASN B 145 14.13 35.31 -5.83
C ASN B 145 15.17 34.30 -6.31
N ASN B 146 16.11 34.81 -7.10
CA ASN B 146 17.19 34.02 -7.70
C ASN B 146 16.71 33.19 -8.90
N ASN B 147 17.05 33.73 -10.07
CA ASN B 147 16.71 33.12 -11.35
C ASN B 147 17.88 32.27 -11.90
N ASN B 148 19.06 32.42 -11.27
CA ASN B 148 20.29 31.76 -11.72
C ASN B 148 20.35 30.27 -11.36
N ASP B 149 19.35 29.50 -11.78
CA ASP B 149 19.25 28.06 -11.52
C ASP B 149 19.14 27.66 -10.03
N LYS B 150 18.87 28.64 -9.17
CA LYS B 150 18.52 28.36 -7.78
C LYS B 150 16.99 28.47 -7.70
N TYR B 151 16.33 27.38 -7.30
CA TYR B 151 14.87 27.36 -7.13
C TYR B 151 14.44 27.13 -5.68
N TYR B 152 13.74 28.11 -5.11
CA TYR B 152 13.21 28.03 -3.75
C TYR B 152 11.71 28.37 -3.73
N PHE B 153 10.94 27.64 -2.96
CA PHE B 153 9.54 28.01 -2.76
C PHE B 153 9.40 29.25 -1.91
N VAL B 154 10.31 29.43 -0.97
CA VAL B 154 10.18 30.50 0.03
C VAL B 154 11.48 31.31 0.17
N GLY B 155 11.37 32.61 -0.06
CA GLY B 155 12.52 33.52 0.00
C GLY B 155 13.66 33.11 -0.93
N ASN B 156 14.88 33.37 -0.48
CA ASN B 156 16.07 33.20 -1.30
C ASN B 156 16.97 32.14 -0.74
N ASN B 157 16.40 31.30 0.10
CA ASN B 157 17.14 30.28 0.80
C ASN B 157 16.33 29.00 0.93
N LEU B 158 17.05 27.89 1.08
CA LEU B 158 16.42 26.60 1.23
C LEU B 158 15.63 26.46 2.55
N THR B 159 14.44 25.88 2.45
CA THR B 159 13.61 25.59 3.61
C THR B 159 13.21 24.13 3.53
N TYR B 160 12.67 23.62 4.61
CA TYR B 160 12.18 22.27 4.64
C TYR B 160 11.05 22.08 3.67
N ALA B 161 10.42 23.16 3.18
CA ALA B 161 9.37 23.06 2.17
C ALA B 161 9.96 22.60 0.84
N ASP B 162 11.15 23.13 0.49
CA ASP B 162 11.84 22.69 -0.71
C ASP B 162 12.11 21.23 -0.62
N LEU B 163 12.58 20.76 0.53
CA LEU B 163 12.93 19.37 0.65
C LEU B 163 11.67 18.50 0.64
N ALA B 164 10.59 19.02 1.25
CA ALA B 164 9.34 18.30 1.32
C ALA B 164 8.72 18.12 -0.09
N VAL B 165 8.78 19.17 -0.93
CA VAL B 165 8.25 19.12 -2.29
C VAL B 165 9.16 18.24 -3.15
N PHE B 166 10.46 18.39 -2.96
CA PHE B 166 11.40 17.52 -3.64
C PHE B 166 11.04 16.07 -3.37
N ASN B 167 10.96 15.69 -2.09
CA ASN B 167 10.68 14.33 -1.67
C ASN B 167 9.40 13.76 -2.28
N LEU B 168 8.39 14.62 -2.31
CA LEU B 168 7.11 14.31 -2.86
C LEU B 168 7.25 13.98 -4.35
N TYR B 169 7.83 14.89 -5.12
CA TYR B 169 7.90 14.70 -6.54
C TYR B 169 8.99 13.70 -6.90
N ASP B 170 9.87 13.42 -5.94
CA ASP B 170 10.86 12.36 -6.12
C ASP B 170 10.14 11.01 -6.08
N ASP B 171 9.17 10.93 -5.19
CA ASP B 171 8.32 9.75 -5.06
C ASP B 171 7.45 9.54 -6.31
N ILE B 172 6.96 10.63 -6.87
CA ILE B 172 5.95 10.58 -7.93
C ILE B 172 6.55 10.31 -9.30
N GLU B 173 7.61 11.03 -9.67
CA GLU B 173 8.16 10.88 -11.00
C GLU B 173 8.78 9.50 -11.26
N THR B 174 9.24 8.84 -10.20
CA THR B 174 9.75 7.50 -10.37
C THR B 174 8.62 6.58 -10.79
N LYS B 175 7.50 6.57 -10.03
CA LYS B 175 6.36 5.70 -10.34
C LYS B 175 5.62 6.18 -11.59
N TYR B 176 5.65 7.49 -11.83
CA TYR B 176 4.98 8.11 -12.95
C TYR B 176 5.95 9.05 -13.68
N PRO B 177 6.91 8.47 -14.43
CA PRO B 177 7.87 9.26 -15.24
C PRO B 177 7.21 10.34 -16.10
N SER B 178 7.93 11.44 -16.31
CA SER B 178 7.43 12.59 -17.06
C SER B 178 6.23 13.32 -16.43
N SER B 179 5.98 13.09 -15.13
CA SER B 179 4.93 13.84 -14.39
C SER B 179 5.23 15.33 -14.34
N LEU B 180 6.52 15.66 -14.24
CA LEU B 180 6.96 17.05 -14.11
C LEU B 180 7.08 17.81 -15.45
N LYS B 181 6.98 17.12 -16.58
CA LYS B 181 7.19 17.75 -17.89
C LYS B 181 6.30 18.97 -18.16
N ASN B 182 5.10 18.97 -17.61
CA ASN B 182 4.16 20.08 -17.83
C ASN B 182 4.32 21.22 -16.84
N PHE B 183 5.33 21.10 -15.99
CA PHE B 183 5.52 22.04 -14.90
C PHE B 183 7.02 22.33 -14.87
N PRO B 184 7.43 23.33 -15.66
CA PRO B 184 8.85 23.62 -15.87
C PRO B 184 9.59 24.09 -14.61
N LEU B 185 8.99 25.02 -13.85
CA LEU B 185 9.58 25.50 -12.61
C LEU B 185 9.73 24.41 -11.55
N LEU B 186 8.80 23.48 -11.54
CA LEU B 186 8.76 22.41 -10.57
C LEU B 186 9.75 21.34 -10.94
N LYS B 187 9.96 21.17 -12.24
CA LYS B 187 10.89 20.19 -12.75
C LYS B 187 12.29 20.70 -12.49
N ALA B 188 12.50 21.98 -12.78
CA ALA B 188 13.77 22.61 -12.55
C ALA B 188 14.09 22.53 -11.03
N HIS B 189 13.09 22.80 -10.19
CA HIS B 189 13.28 22.84 -8.76
C HIS B 189 13.72 21.46 -8.30
N ASN B 190 13.07 20.44 -8.84
CA ASN B 190 13.41 19.06 -8.51
C ASN B 190 14.84 18.69 -8.91
N GLU B 191 15.28 19.19 -10.06
CA GLU B 191 16.65 18.90 -10.51
C GLU B 191 17.66 19.66 -9.66
N PHE B 192 17.34 20.92 -9.37
CA PHE B 192 18.19 21.78 -8.56
C PHE B 192 18.48 21.13 -7.22
N ILE B 193 17.44 20.92 -6.41
CA ILE B 193 17.69 20.45 -5.06
C ILE B 193 18.28 19.03 -5.05
N SER B 194 17.89 18.20 -6.03
CA SER B 194 18.38 16.83 -6.15
C SER B 194 19.89 16.80 -6.46
N ASN B 195 20.37 17.86 -7.12
CA ASN B 195 21.80 18.00 -7.43
C ASN B 195 22.65 18.64 -6.33
N LEU B 196 22.04 19.17 -5.27
CA LEU B 196 22.82 19.71 -4.15
C LEU B 196 23.69 18.58 -3.65
N PRO B 197 24.99 18.78 -3.53
CA PRO B 197 25.92 17.67 -3.23
C PRO B 197 25.47 16.76 -2.06
N ASN B 198 25.10 17.32 -0.93
CA ASN B 198 24.68 16.46 0.17
C ASN B 198 23.49 15.55 -0.22
N ILE B 199 22.53 16.12 -0.95
CA ILE B 199 21.34 15.36 -1.34
C ILE B 199 21.66 14.35 -2.45
N LYS B 200 22.38 14.80 -3.47
CA LYS B 200 22.96 13.90 -4.49
C LYS B 200 23.65 12.66 -3.88
N ASN B 201 24.53 12.85 -2.91
CA ASN B 201 25.17 11.71 -2.24
C ASN B 201 24.20 10.82 -1.41
N TYR B 202 23.28 11.44 -0.67
CA TYR B 202 22.32 10.66 0.11
C TYR B 202 21.46 9.78 -0.81
N ILE B 203 20.94 10.36 -1.87
CA ILE B 203 20.04 9.66 -2.79
C ILE B 203 20.72 8.47 -3.51
N THR B 204 21.94 8.67 -3.98
CA THR B 204 22.63 7.60 -4.70
C THR B 204 22.96 6.47 -3.72
N ASN B 205 23.22 6.84 -2.47
CA ASN B 205 23.52 5.86 -1.41
C ASN B 205 22.26 5.21 -0.86
N ARG B 206 21.09 5.71 -1.25
CA ARG B 206 19.82 5.27 -0.69
C ARG B 206 19.32 4.00 -1.34
N LYS B 207 19.18 2.96 -0.53
CA LYS B 207 18.61 1.69 -0.94
C LYS B 207 17.17 1.85 -1.49
N GLU B 208 16.80 1.05 -2.47
CA GLU B 208 15.44 1.10 -3.01
C GLU B 208 14.43 0.54 -2.00
N SER B 209 13.20 1.04 -2.08
CA SER B 209 12.13 0.60 -1.16
C SER B 209 10.72 0.65 -1.77
N VAL B 210 9.84 -0.15 -1.16
CA VAL B 210 8.46 -0.33 -1.61
C VAL B 210 7.70 1.00 -1.48
N TYR B 211 7.92 1.70 -0.36
CA TYR B 211 7.32 3.02 -0.15
C TYR B 211 8.18 3.90 0.73
#